data_9C8O
#
_entry.id   9C8O
#
_cell.length_a   44.730
_cell.length_b   74.050
_cell.length_c   100.890
_cell.angle_alpha   90.000
_cell.angle_beta   90.000
_cell.angle_gamma   90.000
#
_symmetry.space_group_name_H-M   'P 21 21 21'
#
loop_
_entity.id
_entity.type
_entity.pdbx_description
1 polymer 'Cytochrome c peroxidase, mitochondrial'
2 non-polymer 'PROTOPORPHYRIN IX CONTAINING FE'
3 non-polymer 'PEROXIDE ION'
4 water water
#
_entity_poly.entity_id   1
_entity_poly.type   'polypeptide(L)'
_entity_poly.pdbx_seq_one_letter_code
;MITTPLVHVASVEKGRSYEDFQKVYNAIALKLREDDEYDNYIGYGPVLVRLAWHISGTWDKHDNTGGSYGGTYRFKKEFN
DPSNAGLQNGFKFLEPIHKEFPWISSGDLFSLGGVTAVQEMQGPKIPWRCGRVDTPEDTTPDNGRLPDADKDAGYVRTFF
QRLNMNDREVVALMGAHALGKTHLKNSGYEGPWGAANNVFTNEFYLNLLNEDWKLEKNDANNEQWDSKSGYMMLPTDYSL
IQDPKYLSIVKEYANDQDKFFKDFSKAFEKLLENGITFPKDAPSPFIFKTLEEQGL
;
_entity_poly.pdbx_strand_id   A
#
# COMPACT_ATOMS: atom_id res chain seq x y z
N ILE A 2 -6.48 -6.67 -32.23
CA ILE A 2 -6.21 -7.55 -31.10
C ILE A 2 -5.59 -6.75 -29.96
N THR A 3 -6.14 -6.91 -28.76
CA THR A 3 -5.63 -6.22 -27.57
C THR A 3 -4.63 -7.13 -26.88
N THR A 4 -3.41 -7.13 -27.40
CA THR A 4 -2.33 -7.90 -26.78
C THR A 4 -1.81 -7.15 -25.56
N PRO A 5 -1.38 -7.87 -24.53
CA PRO A 5 -0.87 -7.21 -23.32
C PRO A 5 0.36 -6.38 -23.63
N LEU A 6 0.28 -5.08 -23.34
CA LEU A 6 1.42 -4.20 -23.50
C LEU A 6 2.54 -4.62 -22.55
N VAL A 7 3.78 -4.30 -22.93
CA VAL A 7 4.95 -4.70 -22.17
C VAL A 7 5.65 -3.44 -21.67
N HIS A 8 5.74 -3.30 -20.35
CA HIS A 8 6.40 -2.17 -19.71
C HIS A 8 7.79 -2.64 -19.27
N VAL A 9 8.78 -2.44 -20.14
CA VAL A 9 10.14 -2.84 -19.84
C VAL A 9 10.76 -1.83 -18.88
N ALA A 10 11.35 -2.32 -17.80
CA ALA A 10 11.97 -1.45 -16.82
C ALA A 10 13.32 -0.95 -17.32
N SER A 11 13.59 0.33 -17.10
CA SER A 11 14.84 0.96 -17.50
C SER A 11 15.41 1.70 -16.30
N VAL A 12 16.52 1.20 -15.75
CA VAL A 12 17.16 1.85 -14.62
C VAL A 12 17.54 3.27 -14.99
N GLU A 13 17.29 4.20 -14.07
CA GLU A 13 17.65 5.59 -14.31
C GLU A 13 19.13 5.72 -14.64
N LYS A 14 19.44 6.56 -15.63
CA LYS A 14 20.77 6.66 -16.21
C LYS A 14 21.84 6.94 -15.16
N GLY A 15 22.70 5.97 -14.91
CA GLY A 15 23.82 6.15 -13.99
C GLY A 15 23.42 6.21 -12.53
N ARG A 16 22.53 5.34 -12.09
CA ARG A 16 22.06 5.31 -10.72
C ARG A 16 22.21 3.89 -10.17
N SER A 17 22.73 3.79 -8.94
CA SER A 17 22.95 2.49 -8.32
C SER A 17 22.29 2.42 -6.95
N TYR A 18 22.67 1.41 -6.16
CA TYR A 18 22.05 1.23 -4.84
C TYR A 18 22.25 2.44 -3.95
N GLU A 19 23.44 3.05 -4.00
CA GLU A 19 23.71 4.20 -3.14
C GLU A 19 22.85 5.39 -3.49
N ASP A 20 22.49 5.55 -4.77
CA ASP A 20 21.62 6.66 -5.17
C ASP A 20 20.22 6.50 -4.60
N PHE A 21 19.66 5.29 -4.68
CA PHE A 21 18.32 5.05 -4.16
C PHE A 21 18.29 4.92 -2.64
N GLN A 22 19.42 4.56 -2.02
CA GLN A 22 19.48 4.58 -0.56
C GLN A 22 19.40 6.00 -0.02
N LYS A 23 19.99 6.96 -0.74
CA LYS A 23 19.87 8.36 -0.33
C LYS A 23 18.44 8.87 -0.48
N VAL A 24 17.68 8.33 -1.44
CA VAL A 24 16.27 8.68 -1.55
C VAL A 24 15.49 8.08 -0.38
N TYR A 25 15.79 6.82 -0.04
CA TYR A 25 15.18 6.20 1.14
C TYR A 25 15.43 7.01 2.39
N ASN A 26 16.67 7.47 2.58
CA ASN A 26 17.00 8.25 3.77
C ASN A 26 16.29 9.59 3.78
N ALA A 27 16.18 10.24 2.62
CA ALA A 27 15.47 11.51 2.55
C ALA A 27 14.00 11.34 2.89
N ILE A 28 13.41 10.22 2.47
CA ILE A 28 12.03 9.92 2.86
C ILE A 28 11.96 9.57 4.34
N ALA A 29 12.89 8.74 4.82
CA ALA A 29 12.83 8.29 6.20
C ALA A 29 13.11 9.42 7.18
N LEU A 30 14.07 10.29 6.86
CA LEU A 30 14.37 11.43 7.73
C LEU A 30 13.18 12.37 7.82
N LYS A 31 12.43 12.53 6.73
CA LYS A 31 11.25 13.39 6.75
C LYS A 31 10.10 12.75 7.51
N LEU A 32 10.09 11.41 7.63
CA LEU A 32 9.05 10.75 8.39
C LEU A 32 9.16 11.07 9.89
N ARG A 33 10.37 11.03 10.43
CA ARG A 33 10.57 11.31 11.85
C ARG A 33 10.46 12.80 12.17
N GLU A 34 10.61 13.67 11.16
CA GLU A 34 10.56 15.11 11.40
C GLU A 34 9.14 15.66 11.31
N ASP A 35 8.41 15.31 10.25
CA ASP A 35 7.01 15.70 10.10
C ASP A 35 6.11 14.70 10.82
N ASP A 36 6.28 14.62 12.14
CA ASP A 36 5.61 13.62 12.95
C ASP A 36 4.30 14.10 13.56
N GLU A 37 3.88 15.33 13.26
CA GLU A 37 2.65 15.88 13.81
C GLU A 37 1.44 15.68 12.89
N TYR A 38 1.65 15.09 11.71
CA TYR A 38 0.56 14.94 10.75
C TYR A 38 -0.48 13.96 11.27
N ASP A 39 -1.76 14.38 11.20
CA ASP A 39 -2.90 13.53 11.52
C ASP A 39 -2.83 13.02 12.96
N ASN A 40 -2.83 13.98 13.89
CA ASN A 40 -2.80 13.70 15.34
C ASN A 40 -1.58 12.86 15.72
N TYR A 41 -0.43 13.26 15.18
CA TYR A 41 0.87 12.65 15.49
C TYR A 41 0.93 11.17 15.13
N ILE A 42 0.11 10.74 14.17
CA ILE A 42 0.27 9.40 13.61
C ILE A 42 1.48 9.37 12.67
N GLY A 43 1.69 10.45 11.93
CA GLY A 43 2.77 10.53 10.97
C GLY A 43 2.31 10.23 9.56
N TYR A 44 3.18 10.55 8.60
CA TYR A 44 2.89 10.30 7.19
C TYR A 44 3.12 8.85 6.79
N GLY A 45 3.46 7.98 7.73
CA GLY A 45 3.76 6.59 7.44
C GLY A 45 2.65 5.85 6.72
N PRO A 46 1.48 5.71 7.36
CA PRO A 46 0.38 4.95 6.74
C PRO A 46 -0.07 5.50 5.40
N VAL A 47 -0.15 6.82 5.25
CA VAL A 47 -0.66 7.37 3.99
C VAL A 47 0.32 7.10 2.84
N LEU A 48 1.60 6.94 3.16
CA LEU A 48 2.57 6.57 2.12
C LEU A 48 2.43 5.11 1.73
N VAL A 49 2.08 4.25 2.68
CA VAL A 49 1.80 2.86 2.36
C VAL A 49 0.52 2.75 1.53
N ARG A 50 -0.49 3.54 1.87
CA ARG A 50 -1.73 3.54 1.10
C ARG A 50 -1.51 4.13 -0.29
N LEU A 51 -0.65 5.15 -0.39
CA LEU A 51 -0.31 5.71 -1.69
C LEU A 51 0.28 4.66 -2.61
N ALA A 52 1.33 3.95 -2.13
CA ALA A 52 1.99 2.94 -2.95
C ALA A 52 1.04 1.82 -3.35
N TRP A 53 0.06 1.52 -2.52
CA TRP A 53 -0.93 0.50 -2.86
C TRP A 53 -1.94 1.01 -3.89
N HIS A 54 -2.35 2.27 -3.76
CA HIS A 54 -3.33 2.82 -4.71
C HIS A 54 -2.72 3.07 -6.09
N ILE A 55 -1.43 3.41 -6.15
CA ILE A 55 -0.78 3.58 -7.45
C ILE A 55 -0.45 2.24 -8.08
N SER A 56 -0.48 1.15 -7.32
CA SER A 56 -0.29 -0.19 -7.85
C SER A 56 -1.59 -0.95 -8.05
N GLY A 57 -2.62 -0.63 -7.28
CA GLY A 57 -3.88 -1.37 -7.32
C GLY A 57 -4.71 -1.13 -8.57
N THR A 58 -4.33 -0.17 -9.41
CA THR A 58 -5.05 0.08 -10.64
C THR A 58 -4.70 -0.92 -11.74
N TRP A 59 -3.81 -1.87 -11.48
CA TRP A 59 -3.32 -2.76 -12.51
C TRP A 59 -4.40 -3.75 -12.95
N ASP A 60 -4.39 -4.06 -14.25
CA ASP A 60 -5.31 -5.04 -14.84
C ASP A 60 -4.46 -6.06 -15.58
N LYS A 61 -4.44 -7.30 -15.07
CA LYS A 61 -3.57 -8.34 -15.63
C LYS A 61 -4.02 -8.82 -17.01
N HIS A 62 -5.22 -8.43 -17.46
CA HIS A 62 -5.71 -8.92 -18.73
C HIS A 62 -5.14 -8.17 -19.92
N ASP A 63 -4.89 -6.86 -19.77
CA ASP A 63 -4.28 -6.06 -20.82
C ASP A 63 -3.05 -5.32 -20.34
N ASN A 64 -2.59 -5.58 -19.11
CA ASN A 64 -1.39 -4.96 -18.55
C ASN A 64 -1.51 -3.44 -18.51
N THR A 65 -2.70 -2.94 -18.20
CA THR A 65 -2.92 -1.52 -18.03
C THR A 65 -2.90 -1.16 -16.55
N GLY A 66 -2.56 0.10 -16.27
CA GLY A 66 -2.44 0.51 -14.89
C GLY A 66 -1.14 0.00 -14.28
N GLY A 67 -1.09 0.06 -12.95
CA GLY A 67 0.09 -0.36 -12.22
C GLY A 67 0.95 0.81 -11.81
N SER A 68 2.08 0.48 -11.20
CA SER A 68 3.01 1.47 -10.68
C SER A 68 4.04 1.93 -11.70
N TYR A 69 4.07 1.33 -12.89
CA TYR A 69 5.14 1.61 -13.84
C TYR A 69 5.12 3.06 -14.30
N GLY A 70 3.98 3.51 -14.83
CA GLY A 70 3.91 4.83 -15.43
C GLY A 70 3.91 5.99 -14.46
N GLY A 71 3.67 5.74 -13.18
CA GLY A 71 3.55 6.83 -12.24
C GLY A 71 2.47 7.82 -12.60
N THR A 72 1.38 7.35 -13.22
CA THR A 72 0.33 8.21 -13.75
C THR A 72 -0.51 8.87 -12.65
N TYR A 73 -0.23 8.62 -11.38
CA TYR A 73 -0.94 9.31 -10.31
C TYR A 73 -0.66 10.80 -10.32
N ARG A 74 0.45 11.22 -10.91
CA ARG A 74 0.79 12.64 -11.00
C ARG A 74 -0.16 13.42 -11.91
N PHE A 75 -0.99 12.74 -12.69
CA PHE A 75 -1.92 13.38 -13.59
C PHE A 75 -3.29 13.56 -12.93
N LYS A 76 -4.03 14.56 -13.43
CA LYS A 76 -5.23 15.03 -12.73
C LYS A 76 -6.32 13.97 -12.66
N LYS A 77 -6.41 13.07 -13.65
CA LYS A 77 -7.49 12.09 -13.65
C LYS A 77 -7.33 11.09 -12.52
N GLU A 78 -6.13 10.53 -12.35
CA GLU A 78 -5.89 9.61 -11.24
C GLU A 78 -5.71 10.35 -9.93
N PHE A 79 -5.21 11.60 -9.98
CA PHE A 79 -5.03 12.38 -8.77
C PHE A 79 -6.38 12.72 -8.12
N ASN A 80 -7.42 12.92 -8.94
CA ASN A 80 -8.74 13.27 -8.45
C ASN A 80 -9.67 12.07 -8.33
N ASP A 81 -9.10 10.87 -8.22
CA ASP A 81 -9.93 9.69 -8.00
C ASP A 81 -10.62 9.79 -6.64
N PRO A 82 -11.94 9.66 -6.57
CA PRO A 82 -12.61 9.59 -5.26
C PRO A 82 -12.04 8.52 -4.37
N SER A 83 -11.55 7.41 -4.94
CA SER A 83 -10.88 6.39 -4.14
C SER A 83 -9.55 6.86 -3.60
N ASN A 84 -8.91 7.84 -4.25
CA ASN A 84 -7.62 8.37 -3.81
C ASN A 84 -7.75 9.60 -2.93
N ALA A 85 -8.93 9.84 -2.37
CA ALA A 85 -9.13 10.99 -1.50
C ALA A 85 -8.24 10.87 -0.26
N GLY A 86 -7.53 11.95 0.05
CA GLY A 86 -6.59 11.96 1.15
C GLY A 86 -5.15 11.64 0.77
N LEU A 87 -4.94 11.04 -0.40
CA LEU A 87 -3.59 10.71 -0.84
C LEU A 87 -2.81 11.95 -1.30
N GLN A 88 -3.48 13.09 -1.47
CA GLN A 88 -2.77 14.32 -1.78
C GLN A 88 -1.76 14.67 -0.69
N ASN A 89 -2.06 14.30 0.56
CA ASN A 89 -1.12 14.55 1.65
C ASN A 89 0.17 13.75 1.45
N GLY A 90 0.06 12.52 0.97
CA GLY A 90 1.25 11.74 0.67
C GLY A 90 2.01 12.27 -0.53
N PHE A 91 1.30 12.83 -1.51
CA PHE A 91 1.96 13.42 -2.67
C PHE A 91 2.76 14.65 -2.27
N LYS A 92 2.15 15.55 -1.50
CA LYS A 92 2.84 16.75 -1.05
C LYS A 92 4.02 16.41 -0.15
N PHE A 93 3.94 15.30 0.59
CA PHE A 93 5.07 14.85 1.39
C PHE A 93 6.26 14.51 0.52
N LEU A 94 6.02 13.89 -0.63
CA LEU A 94 7.09 13.44 -1.52
C LEU A 94 7.55 14.52 -2.51
N GLU A 95 6.88 15.68 -2.54
CA GLU A 95 7.29 16.73 -3.48
C GLU A 95 8.67 17.29 -3.14
N PRO A 96 8.98 17.67 -1.89
CA PRO A 96 10.34 18.16 -1.62
C PRO A 96 11.41 17.10 -1.86
N ILE A 97 11.06 15.82 -1.73
CA ILE A 97 12.02 14.75 -1.97
C ILE A 97 12.24 14.55 -3.46
N HIS A 98 11.20 14.72 -4.27
CA HIS A 98 11.36 14.60 -5.72
C HIS A 98 12.14 15.79 -6.29
N LYS A 99 12.00 16.97 -5.67
CA LYS A 99 12.80 18.12 -6.09
C LYS A 99 14.27 17.94 -5.72
N GLU A 100 14.54 17.22 -4.63
CA GLU A 100 15.92 16.92 -4.26
C GLU A 100 16.53 15.84 -5.15
N PHE A 101 15.70 14.91 -5.64
CA PHE A 101 16.16 13.83 -6.51
C PHE A 101 15.30 13.85 -7.77
N PRO A 102 15.52 14.81 -8.67
CA PRO A 102 14.69 14.90 -9.88
C PRO A 102 14.91 13.76 -10.85
N TRP A 103 15.99 13.00 -10.71
CA TRP A 103 16.28 11.92 -11.65
C TRP A 103 15.37 10.71 -11.46
N ILE A 104 14.82 10.51 -10.26
CA ILE A 104 13.99 9.35 -9.99
C ILE A 104 12.62 9.54 -10.64
N SER A 105 12.04 8.44 -11.10
CA SER A 105 10.75 8.50 -11.77
C SER A 105 9.63 8.54 -10.73
N SER A 106 8.45 8.98 -11.20
CA SER A 106 7.30 9.11 -10.31
C SER A 106 6.90 7.76 -9.73
N GLY A 107 6.83 6.73 -10.59
CA GLY A 107 6.47 5.41 -10.11
C GLY A 107 7.48 4.86 -9.11
N ASP A 108 8.76 5.09 -9.35
CA ASP A 108 9.78 4.64 -8.40
C ASP A 108 9.66 5.36 -7.07
N LEU A 109 9.41 6.67 -7.11
CA LEU A 109 9.27 7.43 -5.87
C LEU A 109 8.02 7.03 -5.10
N PHE A 110 6.90 6.83 -5.82
CA PHE A 110 5.65 6.47 -5.15
C PHE A 110 5.76 5.13 -4.45
N SER A 111 6.36 4.14 -5.11
CA SER A 111 6.49 2.81 -4.53
C SER A 111 7.55 2.76 -3.44
N LEU A 112 8.67 3.46 -3.63
CA LEU A 112 9.72 3.49 -2.61
C LEU A 112 9.24 4.19 -1.35
N GLY A 113 8.32 5.15 -1.48
CA GLY A 113 7.75 5.78 -0.30
C GLY A 113 7.02 4.79 0.58
N GLY A 114 6.29 3.85 -0.03
CA GLY A 114 5.61 2.83 0.75
C GLY A 114 6.57 1.84 1.38
N VAL A 115 7.60 1.44 0.64
CA VAL A 115 8.61 0.53 1.19
C VAL A 115 9.31 1.18 2.37
N THR A 116 9.66 2.47 2.25
CA THR A 116 10.34 3.16 3.33
C THR A 116 9.48 3.24 4.58
N ALA A 117 8.21 3.60 4.41
CA ALA A 117 7.32 3.76 5.55
C ALA A 117 7.16 2.45 6.32
N VAL A 118 6.97 1.35 5.61
CA VAL A 118 6.81 0.05 6.27
C VAL A 118 8.07 -0.29 7.06
N GLN A 119 9.24 -0.12 6.46
CA GLN A 119 10.48 -0.49 7.14
C GLN A 119 10.77 0.45 8.31
N GLU A 120 10.49 1.75 8.14
CA GLU A 120 10.75 2.70 9.20
C GLU A 120 9.75 2.61 10.34
N MET A 121 8.65 1.86 10.16
CA MET A 121 7.69 1.61 11.23
C MET A 121 7.85 0.22 11.82
N GLN A 122 9.09 -0.27 11.92
CA GLN A 122 9.44 -1.57 12.49
C GLN A 122 8.85 -2.74 11.72
N GLY A 123 8.52 -2.54 10.44
CA GLY A 123 8.04 -3.62 9.62
C GLY A 123 9.17 -4.44 9.04
N PRO A 124 8.81 -5.43 8.24
CA PRO A 124 9.82 -6.28 7.61
C PRO A 124 10.51 -5.57 6.44
N LYS A 125 11.68 -6.09 6.09
CA LYS A 125 12.38 -5.60 4.91
C LYS A 125 11.62 -5.98 3.65
N ILE A 126 11.47 -5.02 2.74
CA ILE A 126 10.75 -5.24 1.50
C ILE A 126 11.70 -5.03 0.33
N PRO A 127 12.03 -6.07 -0.43
CA PRO A 127 12.89 -5.88 -1.61
C PRO A 127 12.23 -4.95 -2.61
N TRP A 128 12.98 -3.93 -3.03
CA TRP A 128 12.49 -2.93 -3.96
C TRP A 128 13.37 -2.86 -5.19
N ARG A 129 12.76 -2.58 -6.32
CA ARG A 129 13.46 -2.55 -7.60
C ARG A 129 13.12 -1.28 -8.35
N CYS A 130 14.13 -0.71 -9.00
CA CYS A 130 13.95 0.48 -9.82
C CYS A 130 13.64 0.07 -11.26
N GLY A 131 13.43 1.07 -12.12
CA GLY A 131 13.19 0.82 -13.52
C GLY A 131 11.87 1.36 -14.04
N ARG A 132 10.96 1.79 -13.18
CA ARG A 132 9.69 2.33 -13.66
C ARG A 132 9.93 3.61 -14.43
N VAL A 133 9.19 3.78 -15.53
CA VAL A 133 9.36 4.90 -16.44
C VAL A 133 8.04 5.65 -16.54
N ASP A 134 8.11 6.97 -16.41
CA ASP A 134 6.91 7.80 -16.55
C ASP A 134 6.35 7.69 -17.96
N THR A 135 5.04 7.48 -18.04
CA THR A 135 4.34 7.38 -19.30
C THR A 135 3.43 8.59 -19.50
N PRO A 136 3.08 8.92 -20.75
CA PRO A 136 2.29 10.13 -21.00
C PRO A 136 0.93 10.07 -20.32
N GLU A 137 0.25 11.22 -20.34
CA GLU A 137 -1.01 11.38 -19.62
C GLU A 137 -2.11 10.51 -20.21
N ASP A 138 -2.02 10.18 -21.51
CA ASP A 138 -3.04 9.34 -22.13
C ASP A 138 -3.01 7.91 -21.63
N THR A 139 -1.96 7.50 -20.90
CA THR A 139 -1.88 6.17 -20.32
C THR A 139 -2.50 6.10 -18.92
N THR A 140 -3.07 7.20 -18.44
CA THR A 140 -3.67 7.21 -17.11
C THR A 140 -4.91 6.33 -17.09
N PRO A 141 -5.00 5.35 -16.19
CA PRO A 141 -6.19 4.51 -16.15
C PRO A 141 -7.39 5.26 -15.60
N ASP A 142 -8.57 4.88 -16.10
CA ASP A 142 -9.80 5.52 -15.68
C ASP A 142 -10.10 5.20 -14.21
N ASN A 143 -10.97 6.02 -13.62
CA ASN A 143 -11.37 5.81 -12.24
C ASN A 143 -12.21 4.53 -12.10
N GLY A 144 -12.24 4.01 -10.89
CA GLY A 144 -13.05 2.84 -10.58
C GLY A 144 -12.31 1.53 -10.48
N ARG A 145 -11.00 1.51 -10.71
CA ARG A 145 -10.23 0.28 -10.64
C ARG A 145 -9.90 -0.14 -9.23
N LEU A 146 -10.01 0.77 -8.27
CA LEU A 146 -9.71 0.49 -6.87
C LEU A 146 -10.95 -0.08 -6.16
N PRO A 147 -10.75 -0.91 -5.13
CA PRO A 147 -11.86 -1.66 -4.57
C PRO A 147 -12.74 -0.82 -3.66
N ASP A 148 -13.98 -1.28 -3.49
CA ASP A 148 -14.93 -0.66 -2.58
C ASP A 148 -14.86 -1.35 -1.22
N ALA A 149 -14.93 -0.55 -0.16
CA ALA A 149 -14.88 -1.08 1.19
C ALA A 149 -16.22 -1.64 1.66
N ASP A 150 -17.29 -1.40 0.92
CA ASP A 150 -18.65 -1.83 1.29
C ASP A 150 -19.01 -3.17 0.68
N LYS A 151 -18.10 -4.13 0.66
CA LYS A 151 -18.31 -5.39 -0.03
C LYS A 151 -17.97 -6.55 0.90
N ASP A 152 -18.13 -7.78 0.38
CA ASP A 152 -17.95 -8.99 1.15
C ASP A 152 -16.72 -9.77 0.66
N ALA A 153 -16.55 -10.98 1.20
CA ALA A 153 -15.38 -11.77 0.88
C ALA A 153 -15.36 -12.23 -0.57
N GLY A 154 -16.53 -12.51 -1.15
CA GLY A 154 -16.58 -12.88 -2.55
C GLY A 154 -16.08 -11.78 -3.47
N TYR A 155 -16.36 -10.53 -3.10
CA TYR A 155 -15.85 -9.41 -3.88
C TYR A 155 -14.34 -9.25 -3.69
N VAL A 156 -13.86 -9.40 -2.46
CA VAL A 156 -12.43 -9.24 -2.18
C VAL A 156 -11.62 -10.28 -2.94
N ARG A 157 -12.08 -11.53 -2.94
CA ARG A 157 -11.36 -12.59 -3.64
C ARG A 157 -11.39 -12.37 -5.15
N THR A 158 -12.55 -11.97 -5.69
N THR A 158 -12.55 -11.97 -5.69
CA THR A 158 -12.66 -11.77 -7.12
CA THR A 158 -12.65 -11.78 -7.14
C THR A 158 -11.89 -10.52 -7.57
C THR A 158 -11.94 -10.51 -7.59
N PHE A 159 -11.91 -9.48 -6.75
CA PHE A 159 -11.21 -8.24 -7.12
C PHE A 159 -9.71 -8.48 -7.23
N PHE A 160 -9.13 -9.12 -6.21
CA PHE A 160 -7.69 -9.34 -6.19
C PHE A 160 -7.22 -10.41 -7.17
N GLN A 161 -8.13 -11.19 -7.75
CA GLN A 161 -7.75 -12.06 -8.85
C GLN A 161 -7.24 -11.25 -10.03
N ARG A 162 -7.83 -10.07 -10.25
CA ARG A 162 -7.36 -9.18 -11.31
C ARG A 162 -5.92 -8.71 -11.07
N LEU A 163 -5.46 -8.72 -9.82
CA LEU A 163 -4.09 -8.39 -9.48
C LEU A 163 -3.21 -9.62 -9.31
N ASN A 164 -3.68 -10.79 -9.74
CA ASN A 164 -2.91 -12.04 -9.67
C ASN A 164 -2.51 -12.37 -8.24
N MET A 165 -3.48 -12.34 -7.34
CA MET A 165 -3.26 -12.52 -5.91
C MET A 165 -4.16 -13.62 -5.38
N ASN A 166 -3.58 -14.55 -4.63
CA ASN A 166 -4.36 -15.64 -4.04
C ASN A 166 -4.78 -15.28 -2.62
N ASP A 167 -5.45 -16.22 -1.95
CA ASP A 167 -6.07 -15.94 -0.66
C ASP A 167 -5.02 -15.55 0.39
N ARG A 168 -4.02 -16.40 0.58
CA ARG A 168 -2.96 -16.09 1.55
C ARG A 168 -2.29 -14.75 1.24
N GLU A 169 -2.04 -14.46 -0.03
CA GLU A 169 -1.45 -13.17 -0.39
C GLU A 169 -2.40 -12.01 -0.10
N VAL A 170 -3.71 -12.24 -0.23
CA VAL A 170 -4.66 -11.17 0.02
C VAL A 170 -4.73 -10.85 1.50
N VAL A 171 -4.80 -11.88 2.34
CA VAL A 171 -4.86 -11.66 3.79
C VAL A 171 -3.61 -10.97 4.29
N ALA A 172 -2.45 -11.26 3.67
CA ALA A 172 -1.21 -10.62 4.08
C ALA A 172 -1.24 -9.12 3.82
N LEU A 173 -1.64 -8.71 2.62
CA LEU A 173 -1.67 -7.30 2.28
C LEU A 173 -2.66 -6.53 3.15
N MET A 174 -3.82 -7.15 3.45
CA MET A 174 -4.81 -6.48 4.28
C MET A 174 -4.32 -6.22 5.69
N GLY A 175 -3.29 -6.94 6.14
CA GLY A 175 -2.69 -6.68 7.43
C GLY A 175 -2.05 -5.32 7.56
N ALA A 176 -1.82 -4.62 6.44
CA ALA A 176 -1.33 -3.25 6.50
C ALA A 176 -2.36 -2.29 7.06
N HIS A 177 -3.60 -2.74 7.26
CA HIS A 177 -4.60 -1.91 7.92
C HIS A 177 -4.38 -1.79 9.42
N ALA A 178 -3.29 -2.36 9.95
CA ALA A 178 -2.90 -2.03 11.31
C ALA A 178 -2.39 -0.61 11.43
N LEU A 179 -2.07 0.03 10.29
CA LEU A 179 -1.56 1.38 10.25
C LEU A 179 -2.68 2.37 9.94
N GLY A 180 -2.55 3.57 10.51
CA GLY A 180 -3.43 4.68 10.21
C GLY A 180 -4.88 4.44 10.61
N LYS A 181 -5.77 5.21 9.98
CA LYS A 181 -7.19 5.17 10.28
C LYS A 181 -7.98 5.51 9.02
N THR A 182 -9.30 5.37 9.13
CA THR A 182 -10.23 5.80 8.09
C THR A 182 -10.75 7.18 8.41
N HIS A 183 -10.74 8.07 7.41
CA HIS A 183 -11.17 9.45 7.56
C HIS A 183 -12.53 9.60 6.87
N LEU A 184 -13.54 10.03 7.63
CA LEU A 184 -14.89 10.12 7.09
C LEU A 184 -14.94 11.09 5.92
N LYS A 185 -14.15 12.17 5.98
CA LYS A 185 -14.10 13.11 4.86
C LYS A 185 -13.43 12.51 3.62
N ASN A 186 -12.69 11.42 3.78
CA ASN A 186 -11.99 10.78 2.67
C ASN A 186 -12.76 9.61 2.07
N SER A 187 -13.39 8.77 2.89
CA SER A 187 -13.97 7.54 2.39
C SER A 187 -15.35 7.21 2.98
N GLY A 188 -15.88 8.02 3.88
CA GLY A 188 -17.14 7.70 4.51
C GLY A 188 -17.04 6.72 5.67
N TYR A 189 -15.84 6.48 6.19
CA TYR A 189 -15.63 5.65 7.36
C TYR A 189 -14.72 6.38 8.33
N GLU A 190 -14.96 6.18 9.62
CA GLU A 190 -14.23 6.89 10.67
C GLU A 190 -13.77 5.91 11.73
N GLY A 191 -12.51 6.05 12.15
CA GLY A 191 -11.96 5.23 13.21
C GLY A 191 -10.77 4.42 12.77
N PRO A 192 -9.84 4.18 13.69
CA PRO A 192 -8.69 3.32 13.39
C PRO A 192 -8.99 1.85 13.63
N TRP A 193 -8.14 0.99 13.05
CA TRP A 193 -8.28 -0.44 13.21
C TRP A 193 -7.69 -0.93 14.53
N GLY A 194 -6.71 -0.22 15.09
CA GLY A 194 -6.07 -0.67 16.31
C GLY A 194 -5.45 0.50 17.05
N ALA A 195 -4.63 0.15 18.04
CA ALA A 195 -4.00 1.15 18.90
C ALA A 195 -2.65 1.63 18.38
N ALA A 196 -1.86 0.72 17.78
CA ALA A 196 -0.55 1.07 17.24
C ALA A 196 -0.73 1.57 15.82
N ASN A 197 -0.93 2.88 15.68
CA ASN A 197 -1.25 3.44 14.37
C ASN A 197 -0.03 3.54 13.47
N ASN A 198 1.17 3.65 14.04
CA ASN A 198 2.37 3.87 13.25
C ASN A 198 3.46 2.84 13.55
N VAL A 199 3.07 1.65 14.00
CA VAL A 199 3.98 0.55 14.24
C VAL A 199 3.45 -0.66 13.50
N PHE A 200 4.24 -1.19 12.56
CA PHE A 200 3.81 -2.32 11.75
C PHE A 200 3.79 -3.58 12.61
N THR A 201 2.60 -4.12 12.86
CA THR A 201 2.42 -5.29 13.70
C THR A 201 1.29 -6.13 13.11
N ASN A 202 1.17 -7.36 13.60
CA ASN A 202 0.05 -8.24 13.27
C ASN A 202 -1.21 -7.89 14.07
N GLU A 203 -1.33 -6.67 14.56
CA GLU A 203 -2.45 -6.31 15.43
C GLU A 203 -3.78 -6.33 14.68
N PHE A 204 -3.75 -6.13 13.36
CA PHE A 204 -4.99 -6.15 12.58
C PHE A 204 -5.69 -7.49 12.71
N TYR A 205 -4.93 -8.58 12.79
CA TYR A 205 -5.51 -9.90 12.92
C TYR A 205 -5.91 -10.21 14.36
N LEU A 206 -5.16 -9.70 15.34
CA LEU A 206 -5.51 -9.92 16.74
C LEU A 206 -6.83 -9.24 17.09
N ASN A 207 -7.05 -8.03 16.58
CA ASN A 207 -8.30 -7.33 16.86
C ASN A 207 -9.48 -7.97 16.13
N LEU A 208 -9.23 -8.58 14.98
CA LEU A 208 -10.31 -9.23 14.23
C LEU A 208 -10.87 -10.45 14.94
N LEU A 209 -10.10 -11.07 15.84
CA LEU A 209 -10.51 -12.29 16.52
C LEU A 209 -10.79 -12.10 17.99
N ASN A 210 -10.17 -11.11 18.63
CA ASN A 210 -10.32 -10.90 20.07
C ASN A 210 -11.38 -9.87 20.42
N GLU A 211 -11.64 -8.91 19.55
CA GLU A 211 -12.61 -7.87 19.83
C GLU A 211 -14.03 -8.36 19.53
N ASP A 212 -14.99 -7.83 20.29
CA ASP A 212 -16.41 -8.11 20.07
C ASP A 212 -16.94 -7.06 19.12
N TRP A 213 -17.12 -7.42 17.86
CA TRP A 213 -17.52 -6.48 16.82
C TRP A 213 -19.03 -6.48 16.65
N LYS A 214 -19.59 -5.31 16.37
CA LYS A 214 -21.02 -5.15 16.13
C LYS A 214 -21.21 -4.19 14.97
N LEU A 215 -22.10 -4.56 14.04
CA LEU A 215 -22.36 -3.73 12.87
C LEU A 215 -23.13 -2.48 13.28
N GLU A 216 -22.52 -1.31 13.03
CA GLU A 216 -23.13 -0.04 13.38
C GLU A 216 -23.03 0.91 12.19
N LYS A 217 -23.80 2.00 12.26
CA LYS A 217 -23.87 2.99 11.21
C LYS A 217 -23.15 4.26 11.65
N ASN A 218 -22.33 4.82 10.77
CA ASN A 218 -21.54 5.99 11.09
C ASN A 218 -22.25 7.26 10.61
N ASP A 219 -21.60 8.40 10.82
CA ASP A 219 -22.18 9.69 10.46
C ASP A 219 -22.33 9.86 8.95
N ALA A 220 -21.62 9.06 8.16
CA ALA A 220 -21.73 9.11 6.70
C ALA A 220 -22.76 8.15 6.15
N ASN A 221 -23.64 7.63 7.01
CA ASN A 221 -24.71 6.67 6.70
C ASN A 221 -24.17 5.31 6.27
N ASN A 222 -22.86 5.13 6.19
CA ASN A 222 -22.28 3.83 5.91
C ASN A 222 -22.31 2.95 7.15
N GLU A 223 -22.24 1.65 6.95
CA GLU A 223 -22.26 0.68 8.03
C GLU A 223 -20.89 0.04 8.18
N GLN A 224 -20.41 -0.04 9.42
CA GLN A 224 -19.10 -0.59 9.71
C GLN A 224 -19.16 -1.34 11.03
N TRP A 225 -18.13 -2.14 11.28
CA TRP A 225 -18.04 -2.97 12.48
C TRP A 225 -17.22 -2.23 13.53
N ASP A 226 -17.86 -1.82 14.61
CA ASP A 226 -17.19 -1.12 15.70
C ASP A 226 -17.08 -2.03 16.92
N SER A 227 -16.00 -1.84 17.68
CA SER A 227 -15.78 -2.57 18.92
C SER A 227 -15.82 -1.60 20.09
N LYS A 228 -15.99 -2.17 21.29
CA LYS A 228 -16.09 -1.34 22.50
C LYS A 228 -14.76 -0.71 22.89
N SER A 229 -13.65 -1.15 22.31
CA SER A 229 -12.36 -0.54 22.58
C SER A 229 -12.11 0.72 21.76
N GLY A 230 -12.94 0.99 20.76
CA GLY A 230 -12.76 2.14 19.90
C GLY A 230 -12.28 1.83 18.50
N TYR A 231 -12.03 0.57 18.18
CA TYR A 231 -11.54 0.18 16.87
C TYR A 231 -12.71 -0.05 15.92
N MET A 232 -12.40 -0.08 14.62
CA MET A 232 -13.40 -0.36 13.60
C MET A 232 -12.79 -1.24 12.53
N MET A 233 -13.68 -1.86 11.75
CA MET A 233 -13.28 -2.72 10.64
C MET A 233 -14.20 -2.46 9.46
N LEU A 234 -13.61 -2.27 8.29
CA LEU A 234 -14.41 -2.16 7.07
C LEU A 234 -15.15 -3.47 6.82
N PRO A 235 -16.29 -3.43 6.13
CA PRO A 235 -16.95 -4.68 5.74
C PRO A 235 -16.04 -5.64 4.99
N THR A 236 -15.13 -5.10 4.16
CA THR A 236 -14.15 -5.95 3.51
C THR A 236 -13.14 -6.51 4.50
N ASP A 237 -12.81 -5.75 5.55
CA ASP A 237 -11.91 -6.25 6.58
C ASP A 237 -12.58 -7.37 7.38
N TYR A 238 -13.82 -7.15 7.82
CA TYR A 238 -14.52 -8.14 8.62
C TYR A 238 -14.85 -9.40 7.83
N SER A 239 -14.91 -9.30 6.49
N SER A 239 -14.91 -9.30 6.49
CA SER A 239 -15.17 -10.49 5.67
CA SER A 239 -15.15 -10.47 5.66
C SER A 239 -14.01 -11.47 5.69
C SER A 239 -14.00 -11.46 5.68
N LEU A 240 -12.84 -11.07 6.20
CA LEU A 240 -11.71 -11.98 6.29
C LEU A 240 -11.93 -13.06 7.35
N ILE A 241 -12.85 -12.84 8.29
CA ILE A 241 -13.22 -13.87 9.25
C ILE A 241 -14.60 -14.45 8.96
N GLN A 242 -15.40 -13.82 8.09
CA GLN A 242 -16.64 -14.45 7.64
C GLN A 242 -16.36 -15.57 6.65
N ASP A 243 -15.32 -15.43 5.84
CA ASP A 243 -14.95 -16.47 4.90
C ASP A 243 -14.09 -17.52 5.59
N PRO A 244 -14.45 -18.81 5.50
CA PRO A 244 -13.65 -19.83 6.23
C PRO A 244 -12.23 -19.97 5.71
N LYS A 245 -12.02 -19.82 4.40
CA LYS A 245 -10.66 -19.90 3.87
C LYS A 245 -9.82 -18.71 4.31
N TYR A 246 -10.40 -17.52 4.28
CA TYR A 246 -9.68 -16.34 4.78
C TYR A 246 -9.40 -16.45 6.26
N LEU A 247 -10.32 -17.04 7.02
CA LEU A 247 -10.21 -17.04 8.48
C LEU A 247 -9.01 -17.85 8.94
N SER A 248 -8.78 -19.02 8.35
CA SER A 248 -7.65 -19.85 8.76
C SER A 248 -6.33 -19.13 8.56
N ILE A 249 -6.22 -18.29 7.52
CA ILE A 249 -5.01 -17.51 7.32
C ILE A 249 -4.94 -16.36 8.33
N VAL A 250 -6.09 -15.80 8.71
CA VAL A 250 -6.11 -14.73 9.70
C VAL A 250 -5.62 -15.25 11.04
N LYS A 251 -6.12 -16.42 11.47
CA LYS A 251 -5.66 -17.01 12.72
C LYS A 251 -4.17 -17.37 12.64
N GLU A 252 -3.70 -17.75 11.45
CA GLU A 252 -2.29 -18.10 11.29
C GLU A 252 -1.40 -16.88 11.48
N TYR A 253 -1.80 -15.73 10.93
CA TYR A 253 -1.01 -14.51 11.08
C TYR A 253 -1.12 -13.95 12.49
N ALA A 254 -2.30 -14.06 13.11
CA ALA A 254 -2.46 -13.55 14.46
C ALA A 254 -1.62 -14.33 15.47
N ASN A 255 -1.29 -15.57 15.14
CA ASN A 255 -0.49 -16.42 16.02
C ASN A 255 1.00 -16.33 15.74
N ASP A 256 1.39 -15.88 14.55
CA ASP A 256 2.80 -15.84 14.16
C ASP A 256 3.06 -14.52 13.42
N GLN A 257 3.72 -13.59 14.10
CA GLN A 257 4.06 -12.32 13.47
C GLN A 257 5.13 -12.48 12.40
N ASP A 258 6.07 -13.40 12.62
CA ASP A 258 7.12 -13.62 11.62
C ASP A 258 6.56 -14.16 10.32
N LYS A 259 5.63 -15.12 10.43
CA LYS A 259 4.98 -15.65 9.23
C LYS A 259 4.23 -14.56 8.48
N PHE A 260 3.64 -13.61 9.22
CA PHE A 260 2.93 -12.51 8.58
C PHE A 260 3.90 -11.54 7.90
N PHE A 261 5.01 -11.23 8.56
CA PHE A 261 5.98 -10.30 7.97
C PHE A 261 6.55 -10.83 6.67
N LYS A 262 6.90 -12.12 6.63
CA LYS A 262 7.46 -12.70 5.42
C LYS A 262 6.46 -12.73 4.28
N ASP A 263 5.21 -13.09 4.58
CA ASP A 263 4.20 -13.16 3.53
C ASP A 263 3.83 -11.77 3.03
N PHE A 264 3.79 -10.78 3.92
CA PHE A 264 3.51 -9.41 3.48
C PHE A 264 4.65 -8.87 2.62
N SER A 265 5.89 -9.16 2.99
CA SER A 265 7.03 -8.65 2.24
C SER A 265 7.02 -9.16 0.81
N LYS A 266 6.63 -10.42 0.61
CA LYS A 266 6.55 -10.96 -0.73
C LYS A 266 5.35 -10.40 -1.49
N ALA A 267 4.21 -10.29 -0.82
CA ALA A 267 2.99 -9.83 -1.48
C ALA A 267 3.06 -8.35 -1.80
N PHE A 268 3.68 -7.55 -0.93
CA PHE A 268 3.75 -6.11 -1.17
C PHE A 268 4.71 -5.80 -2.32
N GLU A 269 5.85 -6.49 -2.37
CA GLU A 269 6.76 -6.31 -3.50
C GLU A 269 6.10 -6.77 -4.80
N LYS A 270 5.39 -7.91 -4.75
CA LYS A 270 4.67 -8.37 -5.93
C LYS A 270 3.63 -7.35 -6.37
N LEU A 271 2.96 -6.71 -5.41
CA LEU A 271 2.01 -5.65 -5.75
C LEU A 271 2.71 -4.49 -6.43
N LEU A 272 3.85 -4.06 -5.88
CA LEU A 272 4.59 -2.93 -6.44
C LEU A 272 5.28 -3.27 -7.76
N GLU A 273 5.41 -4.55 -8.11
CA GLU A 273 6.06 -4.95 -9.35
C GLU A 273 5.10 -5.53 -10.37
N ASN A 274 3.79 -5.50 -10.10
CA ASN A 274 2.82 -6.06 -11.03
C ASN A 274 2.81 -5.29 -12.33
N GLY A 275 3.05 -5.99 -13.44
CA GLY A 275 2.97 -5.40 -14.76
C GLY A 275 4.29 -4.93 -15.35
N ILE A 276 5.39 -5.05 -14.62
CA ILE A 276 6.69 -4.56 -15.05
C ILE A 276 7.52 -5.75 -15.52
N THR A 277 8.09 -5.64 -16.72
CA THR A 277 8.99 -6.65 -17.25
C THR A 277 10.43 -6.27 -16.93
N PHE A 278 11.10 -7.09 -16.15
CA PHE A 278 12.46 -6.81 -15.71
C PHE A 278 13.44 -7.57 -16.60
N PRO A 279 14.29 -6.87 -17.35
CA PRO A 279 15.20 -7.56 -18.27
C PRO A 279 16.28 -8.33 -17.52
N LYS A 280 17.00 -9.16 -18.27
CA LYS A 280 18.06 -9.97 -17.68
C LYS A 280 19.22 -9.10 -17.19
N ASP A 281 19.47 -7.97 -17.85
CA ASP A 281 20.51 -7.04 -17.43
C ASP A 281 20.08 -6.13 -16.29
N ALA A 282 18.85 -6.28 -15.79
CA ALA A 282 18.40 -5.42 -14.71
C ALA A 282 19.04 -5.86 -13.39
N PRO A 283 19.36 -4.93 -12.49
CA PRO A 283 20.00 -5.31 -11.24
C PRO A 283 19.07 -6.05 -10.32
N SER A 284 19.66 -6.69 -9.31
CA SER A 284 18.90 -7.43 -8.32
C SER A 284 18.12 -6.46 -7.43
N PRO A 285 17.06 -6.94 -6.78
CA PRO A 285 16.30 -6.07 -5.87
C PRO A 285 17.17 -5.52 -4.75
N PHE A 286 16.93 -4.27 -4.39
CA PHE A 286 17.67 -3.62 -3.32
C PHE A 286 16.99 -3.88 -1.98
N ILE A 287 17.80 -4.11 -0.95
CA ILE A 287 17.35 -4.18 0.44
C ILE A 287 17.92 -2.96 1.13
N PHE A 288 17.06 -1.99 1.42
CA PHE A 288 17.53 -0.72 1.96
C PHE A 288 17.72 -0.79 3.47
N LYS A 289 18.84 -0.24 3.93
CA LYS A 289 19.09 -0.14 5.36
C LYS A 289 18.19 0.92 5.98
N THR A 290 17.60 0.60 7.13
CA THR A 290 16.81 1.57 7.85
C THR A 290 17.69 2.67 8.42
N LEU A 291 17.06 3.74 8.90
CA LEU A 291 17.82 4.81 9.55
C LEU A 291 18.52 4.30 10.81
N GLU A 292 17.89 3.37 11.52
CA GLU A 292 18.50 2.82 12.73
C GLU A 292 19.72 1.98 12.39
N GLU A 293 19.65 1.20 11.31
CA GLU A 293 20.78 0.38 10.91
C GLU A 293 21.96 1.22 10.40
N GLN A 294 21.70 2.47 10.02
CA GLN A 294 22.75 3.37 9.56
C GLN A 294 23.24 4.32 10.64
N GLY A 295 22.63 4.30 11.82
CA GLY A 295 23.01 5.24 12.86
C GLY A 295 22.54 6.65 12.63
N LEU A 296 21.61 6.85 11.70
CA LEU A 296 21.12 8.19 11.38
C LEU A 296 19.90 8.55 12.24
#